data_7M6B
#
_entry.id   7M6B
#
_cell.length_a   52.446
_cell.length_b   73.750
_cell.length_c   160.988
_cell.angle_alpha   90.000
_cell.angle_beta   90.000
_cell.angle_gamma   90.000
#
_symmetry.space_group_name_H-M   'P 21 21 21'
#
loop_
_entity.id
_entity.type
_entity.pdbx_description
1 polymer 'Site-specific DNA-methyltransferase (adenine-specific)'
2 non-polymer S-ADENOSYLMETHIONINE
3 non-polymer S-ADENOSYL-L-HOMOCYSTEINE
4 non-polymer 1,2-ETHANEDIOL
5 water water
#
_entity_poly.entity_id   1
_entity_poly.type   'polypeptide(L)'
_entity_poly.pdbx_seq_one_letter_code
;MLKNVLRYPGGKSKALKYILPNLPVGFREYREPMVGGGAVALAVKQLYTNVKIKINDLNYDLICFWKQLRDNPVQLIEEV
SKIKENYKDGRKLYEFLTSQNGGGEFERAVRFYILNRITFSGTVDSGGYSQQSFENRFTWSAINKLKQAAEIIKDFEISH
GDYEKLLFEPGNEVFIFLDPPYYSTTESRLYGKNGDLHLSFDHERFAFNIKKCPHLWMITYDDSPEVRKLFKFANIYEWE
LQYGMNNYKQSKAEKGKELFITNYKLEELRQKEKYALGLLEHHHHHH
;
_entity_poly.pdbx_strand_id   B,A
#
loop_
_chem_comp.id
_chem_comp.type
_chem_comp.name
_chem_comp.formula
EDO non-polymer 1,2-ETHANEDIOL 'C2 H6 O2'
SAM non-polymer S-ADENOSYLMETHIONINE 'C15 H22 N6 O5 S'
#
# COMPACT_ATOMS: atom_id res chain seq x y z
N MET A 1 -4.37 33.13 14.66
CA MET A 1 -3.89 32.29 13.49
C MET A 1 -3.42 30.92 13.99
N LEU A 2 -4.20 29.86 13.73
CA LEU A 2 -3.94 28.49 14.22
C LEU A 2 -2.81 27.89 13.38
N LYS A 3 -1.78 27.31 14.01
CA LYS A 3 -0.58 26.78 13.30
C LYS A 3 -0.65 25.27 13.11
N ASN A 4 -1.04 24.56 14.18
CA ASN A 4 -0.92 23.08 14.29
C ASN A 4 -2.01 22.56 15.22
N VAL A 5 -2.66 21.46 14.86
CA VAL A 5 -3.46 20.69 15.85
C VAL A 5 -2.72 19.37 16.12
N LEU A 6 -1.91 18.89 15.18
CA LEU A 6 -1.22 17.58 15.33
C LEU A 6 0.28 17.82 15.34
N ARG A 7 1.01 16.96 16.04
CA ARG A 7 2.49 16.97 16.14
C ARG A 7 3.04 15.96 15.13
N TYR A 8 3.91 16.44 14.27
CA TYR A 8 4.65 15.63 13.26
C TYR A 8 6.07 16.16 13.31
N PRO A 9 7.11 15.29 13.34
CA PRO A 9 8.48 15.78 13.33
C PRO A 9 8.75 16.53 12.01
N GLY A 10 8.17 16.07 10.90
CA GLY A 10 8.30 16.65 9.56
C GLY A 10 7.23 17.68 9.24
N GLY A 11 6.47 18.11 10.27
CA GLY A 11 5.54 19.25 10.19
C GLY A 11 6.17 20.47 9.52
N LYS A 12 5.37 21.27 8.79
CA LYS A 12 5.91 22.41 8.00
C LYS A 12 5.49 23.76 8.59
N SER A 13 4.97 23.83 9.81
CA SER A 13 4.51 25.14 10.36
C SER A 13 5.70 26.10 10.42
N LYS A 14 6.93 25.61 10.60
CA LYS A 14 8.14 26.49 10.68
C LYS A 14 8.58 26.88 9.26
N ALA A 15 8.26 26.05 8.26
CA ALA A 15 8.69 26.22 6.86
C ALA A 15 7.75 27.18 6.10
N LEU A 16 6.64 27.58 6.71
CA LEU A 16 5.58 28.39 6.07
C LEU A 16 6.13 29.70 5.52
N LYS A 17 7.00 30.38 6.29
CA LYS A 17 7.66 31.65 5.84
C LYS A 17 8.35 31.44 4.50
N TYR A 18 8.84 30.23 4.19
CA TYR A 18 9.48 29.92 2.89
C TYR A 18 8.43 29.46 1.87
N ILE A 19 7.36 28.78 2.31
CA ILE A 19 6.38 28.15 1.38
C ILE A 19 5.39 29.19 0.86
N LEU A 20 4.72 29.91 1.76
CA LEU A 20 3.58 30.82 1.44
C LEU A 20 3.98 31.84 0.37
N PRO A 21 5.15 32.52 0.45
CA PRO A 21 5.46 33.53 -0.55
C PRO A 21 5.70 32.95 -1.95
N ASN A 22 5.79 31.62 -2.08
CA ASN A 22 6.22 30.95 -3.31
C ASN A 22 5.11 30.06 -3.88
N LEU A 23 3.87 30.26 -3.43
CA LEU A 23 2.69 29.64 -4.06
C LEU A 23 2.51 30.22 -5.45
N PRO A 24 1.92 29.50 -6.42
CA PRO A 24 1.71 30.05 -7.75
C PRO A 24 0.62 31.13 -7.70
N VAL A 25 0.61 32.01 -8.69
N VAL A 25 0.61 32.03 -8.68
CA VAL A 25 -0.36 33.14 -8.76
CA VAL A 25 -0.37 33.15 -8.71
C VAL A 25 -1.69 32.61 -9.31
C VAL A 25 -1.68 32.62 -9.30
N GLY A 26 -2.79 33.02 -8.67
CA GLY A 26 -4.17 32.78 -9.12
C GLY A 26 -4.72 31.40 -8.80
N PHE A 27 -4.07 30.56 -7.98
CA PHE A 27 -4.59 29.20 -7.69
C PHE A 27 -5.97 29.39 -7.05
N ARG A 28 -6.93 28.56 -7.44
CA ARG A 28 -8.31 28.57 -6.90
C ARG A 28 -8.60 27.24 -6.18
N GLU A 29 -7.70 26.27 -6.30
CA GLU A 29 -7.86 24.93 -5.69
C GLU A 29 -6.50 24.47 -5.13
N TYR A 30 -6.51 24.09 -3.85
CA TYR A 30 -5.33 23.65 -3.09
C TYR A 30 -5.53 22.18 -2.75
N ARG A 31 -4.57 21.35 -3.14
CA ARG A 31 -4.53 19.91 -2.81
C ARG A 31 -3.29 19.59 -1.99
N GLU A 32 -3.47 18.86 -0.89
CA GLU A 32 -2.42 18.30 -0.03
C GLU A 32 -2.64 16.79 0.04
N PRO A 33 -2.09 16.02 -0.91
CA PRO A 33 -2.39 14.58 -1.03
C PRO A 33 -1.70 13.66 -0.01
N MET A 34 -0.78 14.23 0.81
CA MET A 34 -0.09 13.50 1.90
C MET A 34 -0.12 14.37 3.14
N VAL A 35 -1.32 14.66 3.63
CA VAL A 35 -1.55 15.87 4.46
C VAL A 35 -0.81 15.75 5.78
N GLY A 36 -0.84 14.59 6.43
CA GLY A 36 -0.32 14.47 7.79
C GLY A 36 -0.95 15.54 8.67
N GLY A 37 -0.16 16.39 9.33
CA GLY A 37 -0.71 17.43 10.22
C GLY A 37 -1.32 18.61 9.49
N GLY A 38 -1.00 18.79 8.22
CA GLY A 38 -1.64 19.78 7.33
C GLY A 38 -1.37 21.24 7.73
N ALA A 39 -0.16 21.55 8.22
CA ALA A 39 0.25 22.95 8.51
C ALA A 39 -0.07 23.87 7.31
N VAL A 40 0.32 23.48 6.10
CA VAL A 40 0.11 24.29 4.88
C VAL A 40 -1.39 24.42 4.59
N ALA A 41 -2.19 23.35 4.66
CA ALA A 41 -3.64 23.44 4.42
C ALA A 41 -4.26 24.47 5.38
N LEU A 42 -3.95 24.39 6.66
CA LEU A 42 -4.50 25.30 7.69
C LEU A 42 -4.07 26.74 7.34
N ALA A 43 -2.83 26.95 6.96
CA ALA A 43 -2.29 28.31 6.66
C ALA A 43 -2.97 28.87 5.39
N VAL A 44 -3.11 28.06 4.35
CA VAL A 44 -3.74 28.49 3.06
C VAL A 44 -5.20 28.87 3.32
N LYS A 45 -5.96 28.08 4.08
CA LYS A 45 -7.38 28.39 4.32
C LYS A 45 -7.49 29.74 5.03
N GLN A 46 -6.56 30.02 5.94
CA GLN A 46 -6.64 31.22 6.81
C GLN A 46 -6.18 32.45 6.02
N LEU A 47 -5.38 32.28 4.98
CA LEU A 47 -4.84 33.41 4.17
C LEU A 47 -5.62 33.56 2.85
N TYR A 48 -6.31 32.53 2.37
CA TYR A 48 -7.06 32.54 1.09
C TYR A 48 -8.42 31.86 1.29
N THR A 49 -9.44 32.59 1.71
CA THR A 49 -10.73 31.96 2.14
C THR A 49 -11.51 31.36 0.97
N ASN A 50 -11.30 31.81 -0.28
CA ASN A 50 -12.13 31.38 -1.44
C ASN A 50 -11.56 30.13 -2.16
N VAL A 51 -10.41 29.64 -1.73
CA VAL A 51 -9.73 28.48 -2.38
C VAL A 51 -10.46 27.22 -1.97
N LYS A 52 -10.75 26.32 -2.89
CA LYS A 52 -11.27 24.97 -2.58
C LYS A 52 -10.10 24.14 -2.04
N ILE A 53 -10.28 23.48 -0.88
CA ILE A 53 -9.20 22.68 -0.26
C ILE A 53 -9.58 21.20 -0.24
N LYS A 54 -8.68 20.39 -0.78
CA LYS A 54 -8.73 18.92 -0.76
C LYS A 54 -7.50 18.40 -0.02
N ILE A 55 -7.70 17.61 1.03
CA ILE A 55 -6.60 16.93 1.74
C ILE A 55 -6.82 15.41 1.65
N ASN A 56 -5.70 14.68 1.58
CA ASN A 56 -5.71 13.21 1.46
C ASN A 56 -4.56 12.66 2.30
N ASP A 57 -4.71 11.44 2.78
CA ASP A 57 -3.58 10.70 3.36
C ASP A 57 -3.87 9.23 3.22
N LEU A 58 -2.81 8.44 3.15
CA LEU A 58 -2.90 6.95 3.16
C LEU A 58 -3.27 6.45 4.56
N ASN A 59 -2.88 7.19 5.60
CA ASN A 59 -3.12 6.80 7.00
C ASN A 59 -4.62 6.91 7.32
N TYR A 60 -5.35 5.79 7.40
CA TYR A 60 -6.81 5.75 7.64
C TYR A 60 -7.15 6.39 9.01
N ASP A 61 -6.36 6.11 10.04
CA ASP A 61 -6.64 6.63 11.41
C ASP A 61 -6.53 8.17 11.40
N LEU A 62 -5.53 8.70 10.73
CA LEU A 62 -5.35 10.17 10.59
C LEU A 62 -6.56 10.79 9.88
N ILE A 63 -7.06 10.16 8.82
CA ILE A 63 -8.22 10.69 8.06
C ILE A 63 -9.49 10.59 8.92
N CYS A 64 -9.67 9.53 9.71
CA CYS A 64 -10.78 9.46 10.71
C CYS A 64 -10.73 10.70 11.61
N PHE A 65 -9.55 11.05 12.07
CA PHE A 65 -9.35 12.23 12.95
C PHE A 65 -9.88 13.46 12.19
N TRP A 66 -9.34 13.74 11.00
CA TRP A 66 -9.69 14.96 10.23
C TRP A 66 -11.18 14.97 9.89
N LYS A 67 -11.74 13.84 9.47
CA LYS A 67 -13.18 13.78 9.14
C LYS A 67 -14.02 14.04 10.41
N GLN A 68 -13.66 13.47 11.54
CA GLN A 68 -14.46 13.59 12.78
C GLN A 68 -14.28 15.00 13.34
N LEU A 69 -13.11 15.62 13.21
CA LEU A 69 -12.93 17.05 13.64
C LEU A 69 -13.83 17.94 12.76
N ARG A 70 -13.93 17.65 11.47
CA ARG A 70 -14.78 18.45 10.54
C ARG A 70 -16.26 18.21 10.88
N ASP A 71 -16.68 16.94 10.99
CA ASP A 71 -18.10 16.54 10.97
C ASP A 71 -18.68 16.45 12.37
N ASN A 72 -17.88 16.17 13.40
CA ASN A 72 -18.38 15.78 14.74
C ASN A 72 -17.51 16.41 15.84
N PRO A 73 -17.12 17.70 15.73
CA PRO A 73 -16.11 18.25 16.63
C PRO A 73 -16.54 18.27 18.09
N VAL A 74 -17.81 18.61 18.37
CA VAL A 74 -18.30 18.73 19.77
C VAL A 74 -18.11 17.38 20.44
N GLN A 75 -18.54 16.29 19.79
CA GLN A 75 -18.46 14.95 20.41
C GLN A 75 -16.99 14.58 20.56
N LEU A 76 -16.17 14.88 19.56
CA LEU A 76 -14.75 14.46 19.57
C LEU A 76 -14.05 15.16 20.73
N ILE A 77 -14.26 16.46 20.88
CA ILE A 77 -13.58 17.29 21.92
C ILE A 77 -14.05 16.81 23.31
N GLU A 78 -15.34 16.52 23.47
CA GLU A 78 -15.90 16.07 24.78
C GLU A 78 -15.28 14.72 25.17
N GLU A 79 -15.14 13.77 24.26
CA GLU A 79 -14.62 12.41 24.55
C GLU A 79 -13.14 12.50 24.88
N VAL A 80 -12.39 13.26 24.10
CA VAL A 80 -10.94 13.48 24.39
C VAL A 80 -10.83 14.10 25.79
N SER A 81 -11.65 15.10 26.11
CA SER A 81 -11.64 15.84 27.41
C SER A 81 -11.96 14.90 28.56
N LYS A 82 -12.95 14.02 28.40
CA LYS A 82 -13.32 13.02 29.41
C LYS A 82 -12.13 12.09 29.65
N ILE A 83 -11.48 11.64 28.58
CA ILE A 83 -10.35 10.69 28.74
C ILE A 83 -9.22 11.44 29.47
N LYS A 84 -8.94 12.68 29.10
CA LYS A 84 -7.88 13.44 29.78
C LYS A 84 -8.20 13.53 31.29
N GLU A 85 -9.46 13.78 31.66
CA GLU A 85 -9.86 13.94 33.09
C GLU A 85 -9.73 12.62 33.84
N ASN A 86 -10.06 11.50 33.20
CA ASN A 86 -10.18 10.18 33.87
C ASN A 86 -8.83 9.48 33.98
N TYR A 87 -7.87 9.68 33.07
CA TYR A 87 -6.62 8.88 33.00
C TYR A 87 -5.44 9.75 33.42
N LYS A 88 -5.21 9.81 34.73
CA LYS A 88 -4.18 10.71 35.31
C LYS A 88 -2.81 10.06 35.16
N ASP A 89 -2.75 8.74 34.94
CA ASP A 89 -1.46 8.00 34.71
C ASP A 89 -1.27 7.84 33.19
N GLY A 90 -0.35 8.60 32.60
CA GLY A 90 -0.12 8.62 31.13
C GLY A 90 0.25 7.25 30.58
N ARG A 91 1.03 6.47 31.32
CA ARG A 91 1.50 5.16 30.84
C ARG A 91 0.28 4.22 30.74
N LYS A 92 -0.64 4.28 31.70
CA LYS A 92 -1.87 3.45 31.65
C LYS A 92 -2.80 3.92 30.53
N LEU A 93 -2.87 5.22 30.26
CA LEU A 93 -3.61 5.80 29.11
C LEU A 93 -3.06 5.22 27.79
N TYR A 94 -1.75 5.28 27.63
CA TYR A 94 -1.00 4.73 26.47
C TYR A 94 -1.35 3.25 26.28
N GLU A 95 -1.18 2.46 27.35
CA GLU A 95 -1.41 1.00 27.30
C GLU A 95 -2.86 0.73 26.89
N PHE A 96 -3.80 1.52 27.44
CA PHE A 96 -5.23 1.40 27.10
C PHE A 96 -5.41 1.66 25.59
N LEU A 97 -4.91 2.78 25.08
CA LEU A 97 -5.13 3.19 23.67
C LEU A 97 -4.44 2.24 22.68
N THR A 98 -3.22 1.79 23.00
CA THR A 98 -2.41 0.96 22.07
C THR A 98 -2.99 -0.46 22.02
N SER A 99 -3.72 -0.89 23.04
CA SER A 99 -4.32 -2.25 23.12
C SER A 99 -5.68 -2.27 22.40
N GLN A 100 -6.20 -1.13 21.95
CA GLN A 100 -7.46 -1.08 21.16
C GLN A 100 -7.13 -1.40 19.69
N ASN A 101 -7.99 -2.15 19.04
CA ASN A 101 -7.94 -2.41 17.57
C ASN A 101 -9.32 -2.17 16.98
N GLY A 102 -9.35 -1.81 15.70
CA GLY A 102 -10.60 -1.61 14.95
C GLY A 102 -11.31 -0.37 15.44
N GLY A 103 -12.60 -0.29 15.18
CA GLY A 103 -13.38 0.88 15.60
C GLY A 103 -13.95 1.62 14.41
N GLY A 104 -15.09 2.27 14.60
CA GLY A 104 -15.56 3.23 13.62
C GLY A 104 -14.70 4.48 13.65
N GLU A 105 -15.08 5.44 12.82
CA GLU A 105 -14.29 6.67 12.59
C GLU A 105 -14.09 7.42 13.91
N PHE A 106 -15.13 7.47 14.74
CA PHE A 106 -15.13 8.31 15.96
C PHE A 106 -14.10 7.75 16.94
N GLU A 107 -14.16 6.45 17.18
CA GLU A 107 -13.24 5.78 18.12
C GLU A 107 -11.80 5.96 17.62
N ARG A 108 -11.59 5.78 16.32
CA ARG A 108 -10.27 5.91 15.64
C ARG A 108 -9.77 7.35 15.78
N ALA A 109 -10.66 8.34 15.62
CA ALA A 109 -10.32 9.78 15.74
C ALA A 109 -9.81 10.08 17.16
N VAL A 110 -10.54 9.64 18.18
CA VAL A 110 -10.23 9.91 19.62
C VAL A 110 -8.85 9.32 19.94
N ARG A 111 -8.65 8.05 19.60
CA ARG A 111 -7.40 7.26 19.84
C ARG A 111 -6.25 7.93 19.11
N PHE A 112 -6.45 8.30 17.85
CA PHE A 112 -5.41 8.91 17.00
C PHE A 112 -4.97 10.23 17.65
N TYR A 113 -5.92 11.09 18.04
CA TYR A 113 -5.59 12.42 18.57
C TYR A 113 -4.77 12.26 19.86
N ILE A 114 -5.22 11.43 20.77
CA ILE A 114 -4.57 11.32 22.10
C ILE A 114 -3.18 10.68 21.91
N LEU A 115 -3.06 9.61 21.11
CA LEU A 115 -1.75 8.99 20.85
C LEU A 115 -0.84 10.04 20.24
N ASN A 116 -1.38 10.93 19.42
CA ASN A 116 -0.54 11.94 18.73
C ASN A 116 0.08 12.86 19.80
N ARG A 117 -0.68 13.13 20.86
CA ARG A 117 -0.28 14.10 21.91
C ARG A 117 0.61 13.43 22.96
N ILE A 118 0.51 12.12 23.16
CA ILE A 118 1.22 11.48 24.33
C ILE A 118 2.42 10.65 23.88
N THR A 119 2.74 10.62 22.57
CA THR A 119 3.86 9.81 22.02
C THR A 119 5.08 10.71 21.95
N PHE A 120 6.27 10.12 21.79
CA PHE A 120 7.55 10.87 21.70
C PHE A 120 7.48 11.99 20.66
N SER A 121 7.03 11.70 19.45
CA SER A 121 7.02 12.75 18.39
C SER A 121 5.70 12.72 17.58
N GLY A 122 4.68 11.96 18.00
CA GLY A 122 3.37 11.95 17.32
C GLY A 122 2.96 10.56 16.88
N THR A 123 3.87 9.57 16.84
CA THR A 123 3.55 8.19 16.41
C THR A 123 4.01 7.17 17.44
N VAL A 124 3.24 6.10 17.55
CA VAL A 124 3.54 4.93 18.42
C VAL A 124 4.90 4.37 17.99
N ASP A 125 5.14 4.17 16.69
CA ASP A 125 6.24 3.31 16.20
C ASP A 125 7.57 4.05 16.29
N SER A 126 7.56 5.38 16.21
CA SER A 126 8.77 6.24 16.20
C SER A 126 8.98 6.92 17.56
N GLY A 127 9.00 6.12 18.63
CA GLY A 127 9.47 6.52 19.97
C GLY A 127 8.51 6.15 21.08
N GLY A 128 7.32 5.67 20.76
CA GLY A 128 6.42 5.16 21.81
C GLY A 128 5.98 6.27 22.76
N TYR A 129 5.53 5.88 23.92
CA TYR A 129 4.98 6.76 24.97
C TYR A 129 6.09 7.69 25.47
N SER A 130 5.75 8.94 25.65
CA SER A 130 6.65 9.96 26.26
C SER A 130 5.95 10.64 27.43
N GLN A 131 6.48 10.46 28.65
CA GLN A 131 5.96 11.17 29.85
C GLN A 131 6.00 12.67 29.58
N GLN A 132 7.08 13.17 28.97
CA GLN A 132 7.18 14.62 28.69
C GLN A 132 6.02 15.08 27.77
N SER A 133 5.69 14.34 26.71
CA SER A 133 4.56 14.67 25.79
C SER A 133 3.26 14.65 26.59
N PHE A 134 3.06 13.63 27.40
CA PHE A 134 1.84 13.47 28.23
C PHE A 134 1.65 14.70 29.10
N GLU A 135 2.72 15.21 29.71
CA GLU A 135 2.60 16.35 30.66
C GLU A 135 2.55 17.67 29.92
N ASN A 136 3.29 17.83 28.82
CA ASN A 136 3.49 19.17 28.22
C ASN A 136 2.85 19.30 26.83
N ARG A 137 2.40 18.22 26.19
CA ARG A 137 1.76 18.36 24.86
C ARG A 137 0.30 17.93 24.92
N PHE A 138 -0.10 17.07 25.86
CA PHE A 138 -1.52 16.62 25.96
C PHE A 138 -2.24 17.57 26.93
N THR A 139 -2.36 18.81 26.53
CA THR A 139 -2.75 19.94 27.39
C THR A 139 -4.17 20.39 27.05
N TRP A 140 -4.83 21.05 28.02
CA TRP A 140 -6.14 21.70 27.79
C TRP A 140 -6.00 22.71 26.66
N SER A 141 -4.90 23.45 26.64
CA SER A 141 -4.64 24.50 25.64
C SER A 141 -4.67 23.93 24.20
N ALA A 142 -4.04 22.78 23.95
CA ALA A 142 -4.07 22.04 22.66
C ALA A 142 -5.51 21.58 22.36
N ILE A 143 -6.19 21.00 23.34
CA ILE A 143 -7.61 20.57 23.18
C ILE A 143 -8.48 21.78 22.84
N ASN A 144 -8.24 22.92 23.49
CA ASN A 144 -8.98 24.18 23.28
C ASN A 144 -8.91 24.60 21.80
N LYS A 145 -7.82 24.28 21.09
CA LYS A 145 -7.65 24.74 19.70
C LYS A 145 -8.50 23.88 18.75
N LEU A 146 -9.02 22.73 19.18
CA LEU A 146 -9.73 21.80 18.22
C LEU A 146 -10.98 22.48 17.66
N LYS A 147 -11.69 23.26 18.48
CA LYS A 147 -12.92 23.95 18.03
C LYS A 147 -12.57 24.93 16.90
N GLN A 148 -11.53 25.73 17.04
CA GLN A 148 -11.12 26.66 15.97
C GLN A 148 -10.67 25.86 14.74
N ALA A 149 -9.87 24.80 14.94
CA ALA A 149 -9.45 23.89 13.85
C ALA A 149 -10.68 23.41 13.08
N ALA A 150 -11.73 22.94 13.77
CA ALA A 150 -12.93 22.35 13.13
C ALA A 150 -13.62 23.42 12.27
N GLU A 151 -13.57 24.68 12.71
CA GLU A 151 -14.18 25.83 11.97
C GLU A 151 -13.41 26.08 10.69
N ILE A 152 -12.07 26.10 10.76
CA ILE A 152 -11.16 26.32 9.60
C ILE A 152 -11.40 25.23 8.53
N ILE A 153 -11.58 23.99 8.94
CA ILE A 153 -11.59 22.84 7.98
C ILE A 153 -13.01 22.51 7.52
N LYS A 154 -14.03 23.28 7.91
CA LYS A 154 -15.44 22.90 7.69
C LYS A 154 -15.71 22.56 6.22
N ASP A 155 -15.12 23.26 5.26
CA ASP A 155 -15.42 23.02 3.82
C ASP A 155 -14.28 22.25 3.15
N PHE A 156 -13.35 21.67 3.91
CA PHE A 156 -12.28 20.83 3.32
C PHE A 156 -12.97 19.60 2.71
N GLU A 157 -12.46 19.12 1.58
CA GLU A 157 -12.75 17.75 1.11
C GLU A 157 -11.62 16.90 1.69
N ILE A 158 -11.97 15.78 2.31
CA ILE A 158 -11.01 14.91 3.04
C ILE A 158 -11.18 13.50 2.51
N SER A 159 -10.08 12.87 2.09
CA SER A 159 -10.12 11.49 1.57
C SER A 159 -8.99 10.68 2.19
N HIS A 160 -9.15 9.36 2.21
N HIS A 160 -9.16 9.35 2.24
CA HIS A 160 -8.09 8.38 2.53
CA HIS A 160 -8.07 8.39 2.53
C HIS A 160 -7.70 7.67 1.23
C HIS A 160 -7.70 7.65 1.25
N GLY A 161 -6.41 7.35 1.12
CA GLY A 161 -5.86 6.52 0.03
C GLY A 161 -4.58 7.10 -0.52
N ASP A 162 -4.21 6.63 -1.71
CA ASP A 162 -2.94 6.98 -2.36
C ASP A 162 -2.99 8.44 -2.84
N TYR A 163 -1.85 9.12 -2.84
CA TYR A 163 -1.67 10.48 -3.38
C TYR A 163 -2.01 10.56 -4.88
N GLU A 164 -1.95 9.46 -5.63
CA GLU A 164 -2.16 9.53 -7.12
C GLU A 164 -3.49 10.21 -7.47
N LYS A 165 -4.56 9.92 -6.74
CA LYS A 165 -5.91 10.42 -7.10
C LYS A 165 -5.87 11.96 -7.24
N LEU A 166 -5.30 12.66 -6.26
CA LEU A 166 -5.32 14.14 -6.27
C LEU A 166 -4.27 14.69 -7.24
N LEU A 167 -3.28 13.89 -7.63
CA LEU A 167 -2.32 14.27 -8.69
C LEU A 167 -3.07 14.46 -10.01
N PHE A 168 -4.02 13.57 -10.30
CA PHE A 168 -4.56 13.38 -11.66
C PHE A 168 -6.02 13.81 -11.77
N GLU A 169 -6.72 14.05 -10.67
CA GLU A 169 -8.10 14.57 -10.74
C GLU A 169 -8.09 15.86 -11.57
N PRO A 170 -8.87 15.91 -12.66
CA PRO A 170 -9.00 17.14 -13.42
C PRO A 170 -9.35 18.33 -12.51
N GLY A 171 -8.96 19.52 -12.92
CA GLY A 171 -9.40 20.78 -12.29
C GLY A 171 -8.68 21.97 -12.87
N ASN A 172 -9.07 23.14 -12.41
CA ASN A 172 -8.62 24.44 -12.92
C ASN A 172 -7.86 25.20 -11.82
N GLU A 173 -6.76 25.82 -12.21
CA GLU A 173 -5.89 26.65 -11.35
C GLU A 173 -5.59 25.86 -10.07
N VAL A 174 -5.15 24.63 -10.24
CA VAL A 174 -4.88 23.72 -9.09
C VAL A 174 -3.40 23.85 -8.70
N PHE A 175 -3.17 23.99 -7.40
CA PHE A 175 -1.81 23.93 -6.81
C PHE A 175 -1.80 22.74 -5.82
N ILE A 176 -0.75 21.92 -5.92
CA ILE A 176 -0.57 20.70 -5.11
C ILE A 176 0.70 20.82 -4.27
N PHE A 177 0.53 20.74 -2.96
CA PHE A 177 1.67 20.77 -2.01
C PHE A 177 1.93 19.34 -1.52
N LEU A 178 3.17 18.88 -1.71
CA LEU A 178 3.57 17.47 -1.43
C LEU A 178 4.72 17.45 -0.44
N ASP A 179 4.51 16.78 0.68
CA ASP A 179 5.55 16.61 1.71
C ASP A 179 5.68 15.12 1.98
N PRO A 180 6.45 14.36 1.16
CA PRO A 180 6.49 12.91 1.28
C PRO A 180 7.22 12.46 2.53
N PRO A 181 7.08 11.18 2.95
CA PRO A 181 7.98 10.60 3.94
C PRO A 181 9.44 10.86 3.52
N TYR A 182 10.32 11.22 4.46
CA TYR A 182 11.73 11.58 4.14
C TYR A 182 12.38 10.42 3.36
N TYR A 183 13.32 10.79 2.49
CA TYR A 183 13.96 9.86 1.51
C TYR A 183 14.91 8.92 2.26
N SER A 184 14.74 7.61 2.09
CA SER A 184 15.63 6.56 2.65
C SER A 184 16.71 6.21 1.62
N LEU A 199 5.88 -0.91 5.52
CA LEU A 199 6.31 -0.68 4.12
C LEU A 199 6.87 0.74 4.02
N SER A 200 7.92 0.95 3.23
CA SER A 200 8.50 2.29 3.06
C SER A 200 8.00 2.91 1.74
N PHE A 201 8.05 4.23 1.72
CA PHE A 201 7.51 5.06 0.64
C PHE A 201 8.32 4.80 -0.64
N ASP A 202 7.61 4.63 -1.74
CA ASP A 202 8.19 4.38 -3.07
C ASP A 202 8.48 5.72 -3.74
N HIS A 203 9.70 6.27 -3.56
CA HIS A 203 10.11 7.57 -4.13
C HIS A 203 10.16 7.48 -5.66
N GLU A 204 10.42 6.30 -6.24
CA GLU A 204 10.56 6.15 -7.73
C GLU A 204 9.17 6.27 -8.34
N ARG A 205 8.18 5.64 -7.72
CA ARG A 205 6.78 5.70 -8.17
C ARG A 205 6.32 7.16 -8.04
N PHE A 206 6.67 7.81 -6.93
CA PHE A 206 6.27 9.22 -6.68
C PHE A 206 6.80 10.09 -7.84
N ALA A 207 8.10 10.07 -8.09
CA ALA A 207 8.78 10.87 -9.16
C ALA A 207 8.15 10.58 -10.53
N PHE A 208 7.92 9.30 -10.87
CA PHE A 208 7.24 8.85 -12.12
C PHE A 208 5.86 9.53 -12.27
N ASN A 209 5.03 9.53 -11.23
CA ASN A 209 3.66 10.09 -11.29
C ASN A 209 3.71 11.63 -11.28
N ILE A 210 4.56 12.24 -10.49
CA ILE A 210 4.56 13.73 -10.41
C ILE A 210 4.98 14.29 -11.77
N LYS A 211 5.84 13.61 -12.51
CA LYS A 211 6.32 14.03 -13.84
C LYS A 211 5.12 14.20 -14.78
N LYS A 212 4.10 13.37 -14.62
CA LYS A 212 2.89 13.40 -15.48
C LYS A 212 1.77 14.23 -14.84
N CYS A 213 1.99 14.91 -13.71
CA CYS A 213 0.91 15.66 -13.04
C CYS A 213 0.57 16.90 -13.85
N PRO A 214 -0.69 17.11 -14.29
CA PRO A 214 -1.02 18.26 -15.14
C PRO A 214 -1.29 19.57 -14.40
N HIS A 215 -0.89 19.67 -13.14
CA HIS A 215 -1.18 20.84 -12.28
C HIS A 215 0.16 21.41 -11.84
N LEU A 216 0.14 22.54 -11.14
CA LEU A 216 1.37 23.11 -10.53
C LEU A 216 1.52 22.45 -9.16
N TRP A 217 2.74 22.08 -8.83
CA TRP A 217 3.10 21.40 -7.58
C TRP A 217 4.42 21.92 -7.02
N MET A 218 4.54 21.79 -5.70
CA MET A 218 5.76 22.01 -4.88
C MET A 218 5.93 20.76 -4.01
N ILE A 219 7.14 20.19 -4.02
CA ILE A 219 7.55 19.07 -3.13
C ILE A 219 8.59 19.62 -2.14
N THR A 220 8.47 19.26 -0.87
CA THR A 220 9.51 19.52 0.16
C THR A 220 10.26 18.22 0.43
N TYR A 221 11.57 18.26 0.27
CA TYR A 221 12.49 17.13 0.58
C TYR A 221 13.72 17.68 1.31
N ASP A 222 14.27 16.84 2.18
CA ASP A 222 15.65 16.99 2.72
C ASP A 222 16.60 16.88 1.54
N ASP A 223 17.62 17.74 1.52
CA ASP A 223 18.67 17.73 0.48
C ASP A 223 19.37 16.38 0.47
N SER A 224 19.52 15.77 -0.69
CA SER A 224 20.29 14.53 -0.91
C SER A 224 20.65 14.47 -2.38
N PRO A 225 21.80 13.88 -2.76
CA PRO A 225 22.16 13.77 -4.17
C PRO A 225 21.14 12.86 -4.88
N GLU A 226 20.64 11.83 -4.19
CA GLU A 226 19.67 10.87 -4.76
C GLU A 226 18.38 11.61 -5.14
N VAL A 227 17.96 12.60 -4.35
CA VAL A 227 16.70 13.38 -4.58
C VAL A 227 16.95 14.36 -5.73
N ARG A 228 18.10 15.05 -5.71
CA ARG A 228 18.52 15.98 -6.80
C ARG A 228 18.50 15.22 -8.13
N LYS A 229 18.98 13.99 -8.14
CA LYS A 229 19.05 13.13 -9.34
C LYS A 229 17.64 12.72 -9.76
N LEU A 230 16.85 12.17 -8.84
CA LEU A 230 15.44 11.76 -9.10
C LEU A 230 14.64 12.95 -9.66
N PHE A 231 14.88 14.17 -9.20
CA PHE A 231 14.05 15.35 -9.59
C PHE A 231 14.83 16.32 -10.49
N LYS A 232 15.87 15.85 -11.20
CA LYS A 232 16.69 16.71 -12.09
C LYS A 232 15.80 17.40 -13.13
N PHE A 233 14.70 16.76 -13.57
CA PHE A 233 13.76 17.26 -14.60
C PHE A 233 13.03 18.53 -14.14
N ALA A 234 13.08 18.86 -12.85
CA ALA A 234 12.19 19.87 -12.22
C ALA A 234 13.02 21.06 -11.77
N ASN A 235 12.40 22.10 -11.21
CA ASN A 235 13.11 23.26 -10.59
C ASN A 235 13.40 22.91 -9.12
N ILE A 236 14.67 22.86 -8.73
CA ILE A 236 15.10 22.62 -7.31
C ILE A 236 15.63 23.93 -6.73
N TYR A 237 15.04 24.38 -5.62
CA TYR A 237 15.42 25.60 -4.86
C TYR A 237 15.91 25.15 -3.48
N GLU A 238 16.88 25.87 -2.86
CA GLU A 238 17.62 25.44 -1.64
C GLU A 238 16.94 25.98 -0.37
N LYS A 257 19.42 22.20 5.01
CA LYS A 257 19.47 21.31 3.83
C LYS A 257 18.04 20.92 3.39
N GLU A 258 17.17 21.89 3.14
CA GLU A 258 15.77 21.68 2.68
C GLU A 258 15.66 22.10 1.20
N LEU A 259 14.95 21.32 0.39
CA LEU A 259 14.66 21.63 -1.04
C LEU A 259 13.17 21.90 -1.24
N PHE A 260 12.89 22.86 -2.10
CA PHE A 260 11.57 23.08 -2.75
C PHE A 260 11.79 22.63 -4.19
N ILE A 261 11.01 21.65 -4.61
CA ILE A 261 11.01 21.12 -6.00
C ILE A 261 9.65 21.49 -6.62
N THR A 262 9.67 22.20 -7.73
CA THR A 262 8.45 22.73 -8.39
C THR A 262 8.51 22.52 -9.88
N ASN A 263 7.37 22.67 -10.54
CA ASN A 263 7.29 22.66 -12.02
C ASN A 263 6.89 24.06 -12.47
N TYR A 264 7.09 25.07 -11.64
CA TYR A 264 6.86 26.49 -12.00
C TYR A 264 7.99 27.31 -11.40
N LYS A 265 8.40 28.37 -12.09
CA LYS A 265 9.55 29.21 -11.67
C LYS A 265 9.12 30.13 -10.53
N LEU A 266 9.90 30.13 -9.44
N LEU A 266 9.90 30.15 -9.44
CA LEU A 266 9.70 30.98 -8.24
CA LEU A 266 9.71 31.04 -8.27
C LEU A 266 10.30 32.38 -8.49
C LEU A 266 10.32 32.41 -8.55
N MET B 1 1.74 -31.90 -16.51
CA MET B 1 1.45 -30.43 -16.42
C MET B 1 1.44 -30.01 -14.94
N LEU B 2 2.47 -29.29 -14.52
CA LEU B 2 2.68 -28.87 -13.11
C LEU B 2 1.69 -27.77 -12.75
N LYS B 3 0.96 -27.94 -11.66
CA LYS B 3 0.16 -26.88 -10.98
C LYS B 3 0.37 -27.07 -9.49
N ASN B 4 0.14 -26.01 -8.72
CA ASN B 4 -0.07 -26.06 -7.25
C ASN B 4 1.26 -26.20 -6.52
N VAL B 5 2.30 -25.41 -6.88
CA VAL B 5 3.61 -25.52 -6.17
C VAL B 5 3.58 -24.69 -4.88
N LEU B 6 2.83 -23.58 -4.83
CA LEU B 6 2.53 -22.90 -3.55
C LEU B 6 1.03 -23.05 -3.28
N ARG B 7 0.61 -23.01 -2.02
CA ARG B 7 -0.81 -22.87 -1.59
C ARG B 7 -1.11 -21.39 -1.39
N TYR B 8 -2.04 -20.78 -2.11
CA TYR B 8 -2.12 -19.31 -2.02
C TYR B 8 -3.55 -18.90 -1.66
N PRO B 9 -3.70 -17.88 -0.77
CA PRO B 9 -4.98 -17.22 -0.56
C PRO B 9 -5.32 -16.40 -1.82
N GLY B 10 -6.42 -16.78 -2.47
CA GLY B 10 -6.84 -16.21 -3.77
C GLY B 10 -6.23 -16.95 -4.94
N GLY B 11 -5.49 -18.03 -4.67
CA GLY B 11 -4.82 -18.89 -5.68
C GLY B 11 -5.74 -19.25 -6.83
N LYS B 12 -5.19 -19.35 -8.05
CA LYS B 12 -6.02 -19.53 -9.28
C LYS B 12 -5.81 -20.91 -9.89
N SER B 13 -5.09 -21.83 -9.23
CA SER B 13 -4.86 -23.20 -9.74
C SER B 13 -6.19 -23.82 -10.18
N LYS B 14 -7.26 -23.59 -9.39
CA LYS B 14 -8.60 -24.21 -9.62
C LYS B 14 -9.31 -23.47 -10.78
N ALA B 15 -8.99 -22.19 -10.98
CA ALA B 15 -9.68 -21.28 -11.94
C ALA B 15 -9.10 -21.40 -13.35
N LEU B 16 -8.03 -22.18 -13.52
CA LEU B 16 -7.25 -22.21 -14.79
C LEU B 16 -8.14 -22.59 -15.98
N LYS B 17 -8.98 -23.61 -15.81
CA LYS B 17 -9.88 -24.09 -16.92
C LYS B 17 -10.76 -22.93 -17.40
N TYR B 18 -11.08 -21.96 -16.52
CA TYR B 18 -11.89 -20.76 -16.87
C TYR B 18 -11.00 -19.66 -17.47
N ILE B 19 -9.73 -19.54 -17.01
CA ILE B 19 -8.85 -18.40 -17.40
C ILE B 19 -8.21 -18.68 -18.76
N LEU B 20 -7.57 -19.83 -18.91
CA LEU B 20 -6.70 -20.15 -20.09
C LEU B 20 -7.46 -19.98 -21.42
N PRO B 21 -8.71 -20.44 -21.57
CA PRO B 21 -9.43 -20.27 -22.84
C PRO B 21 -9.74 -18.80 -23.18
N ASN B 22 -9.53 -17.86 -22.26
CA ASN B 22 -9.95 -16.45 -22.44
C ASN B 22 -8.73 -15.51 -22.46
N LEU B 23 -7.52 -16.04 -22.55
CA LEU B 23 -6.30 -15.22 -22.78
C LEU B 23 -6.38 -14.68 -24.20
N PRO B 24 -5.75 -13.54 -24.54
CA PRO B 24 -5.73 -13.08 -25.93
C PRO B 24 -4.83 -13.99 -26.77
N VAL B 25 -5.07 -14.04 -28.08
CA VAL B 25 -4.24 -14.89 -28.99
C VAL B 25 -3.04 -14.04 -29.42
N GLY B 26 -1.84 -14.63 -29.43
CA GLY B 26 -0.64 -14.09 -30.08
C GLY B 26 0.17 -13.14 -29.21
N PHE B 27 -0.13 -13.02 -27.92
CA PHE B 27 0.71 -12.21 -26.98
C PHE B 27 2.08 -12.88 -26.99
N ARG B 28 3.15 -12.11 -26.94
CA ARG B 28 4.53 -12.65 -26.92
C ARG B 28 5.24 -12.28 -25.62
N GLU B 29 4.63 -11.43 -24.80
CA GLU B 29 5.15 -11.11 -23.45
C GLU B 29 3.98 -11.21 -22.47
N TYR B 30 4.19 -11.98 -21.40
CA TYR B 30 3.23 -12.19 -20.30
C TYR B 30 3.79 -11.53 -19.05
N ARG B 31 2.97 -10.70 -18.44
CA ARG B 31 3.27 -10.03 -17.17
C ARG B 31 2.21 -10.40 -16.14
N GLU B 32 2.66 -10.84 -14.96
CA GLU B 32 1.81 -11.08 -13.77
C GLU B 32 2.37 -10.21 -12.65
N PRO B 33 1.89 -8.97 -12.52
CA PRO B 33 2.40 -8.00 -11.55
C PRO B 33 2.01 -8.24 -10.09
N MET B 34 1.09 -9.18 -9.81
CA MET B 34 0.69 -9.54 -8.41
C MET B 34 0.71 -11.06 -8.28
N VAL B 35 1.88 -11.66 -8.47
CA VAL B 35 1.95 -13.08 -8.94
C VAL B 35 1.43 -14.03 -7.86
N GLY B 36 1.76 -13.78 -6.59
CA GLY B 36 1.43 -14.75 -5.54
C GLY B 36 1.96 -16.12 -5.86
N GLY B 37 1.10 -17.14 -5.90
CA GLY B 37 1.53 -18.52 -6.21
C GLY B 37 1.76 -18.77 -7.69
N GLY B 38 1.34 -17.85 -8.57
CA GLY B 38 1.70 -17.83 -10.00
C GLY B 38 1.13 -19.01 -10.79
N ALA B 39 -0.07 -19.49 -10.46
CA ALA B 39 -0.77 -20.57 -11.20
C ALA B 39 -0.79 -20.24 -12.70
N VAL B 40 -1.23 -19.03 -13.06
CA VAL B 40 -1.33 -18.62 -14.50
C VAL B 40 0.07 -18.53 -15.12
N ALA B 41 1.06 -17.94 -14.47
CA ALA B 41 2.42 -17.85 -15.05
C ALA B 41 2.94 -19.26 -15.38
N LEU B 42 2.84 -20.19 -14.42
CA LEU B 42 3.35 -21.57 -14.62
C LEU B 42 2.59 -22.21 -15.79
N ALA B 43 1.28 -22.01 -15.86
CA ALA B 43 0.43 -22.62 -16.91
C ALA B 43 0.79 -22.02 -18.27
N VAL B 44 0.95 -20.71 -18.37
CA VAL B 44 1.32 -20.01 -19.64
C VAL B 44 2.69 -20.51 -20.14
N LYS B 45 3.68 -20.63 -19.27
CA LYS B 45 5.03 -21.12 -19.69
C LYS B 45 4.93 -22.53 -20.27
N GLN B 46 4.03 -23.35 -19.73
CA GLN B 46 3.90 -24.78 -20.13
C GLN B 46 3.08 -24.87 -21.41
N LEU B 47 2.22 -23.90 -21.71
CA LEU B 47 1.26 -23.97 -22.85
C LEU B 47 1.69 -23.13 -24.04
N TYR B 48 2.68 -22.24 -23.91
CA TYR B 48 3.14 -21.38 -25.02
C TYR B 48 4.64 -21.49 -25.18
N THR B 49 5.11 -21.31 -26.41
CA THR B 49 6.57 -21.34 -26.74
C THR B 49 7.10 -19.90 -26.76
N ASN B 50 8.20 -19.65 -26.05
CA ASN B 50 9.08 -18.45 -26.18
C ASN B 50 8.41 -17.17 -25.66
N VAL B 51 7.22 -17.24 -25.08
CA VAL B 51 6.62 -16.07 -24.40
C VAL B 51 7.64 -15.57 -23.37
N LYS B 52 7.96 -14.28 -23.38
CA LYS B 52 8.80 -13.67 -22.33
C LYS B 52 7.90 -13.48 -21.10
N ILE B 53 8.34 -13.96 -19.94
CA ILE B 53 7.49 -13.99 -18.72
C ILE B 53 8.14 -13.09 -17.66
N LYS B 54 7.35 -12.14 -17.16
CA LYS B 54 7.76 -11.23 -16.07
C LYS B 54 6.73 -11.39 -14.93
N ILE B 55 7.22 -11.75 -13.76
CA ILE B 55 6.39 -11.85 -12.54
C ILE B 55 6.92 -10.84 -11.50
N ASN B 56 5.99 -10.30 -10.74
CA ASN B 56 6.25 -9.29 -9.71
C ASN B 56 5.30 -9.56 -8.55
N ASP B 57 5.74 -9.18 -7.37
CA ASP B 57 4.85 -9.10 -6.20
C ASP B 57 5.44 -8.10 -5.21
N LEU B 58 4.57 -7.48 -4.42
CA LEU B 58 4.98 -6.56 -3.33
C LEU B 58 5.55 -7.37 -2.16
N ASN B 59 5.13 -8.62 -2.01
CA ASN B 59 5.56 -9.50 -0.89
C ASN B 59 7.01 -9.91 -1.15
N TYR B 60 7.95 -9.33 -0.40
CA TYR B 60 9.40 -9.52 -0.57
C TYR B 60 9.77 -10.98 -0.33
N ASP B 61 9.18 -11.62 0.69
CA ASP B 61 9.55 -12.98 1.11
C ASP B 61 9.14 -13.94 -0.02
N LEU B 62 7.95 -13.72 -0.58
CA LEU B 62 7.47 -14.56 -1.71
C LEU B 62 8.41 -14.42 -2.91
N ILE B 63 8.90 -13.21 -3.20
CA ILE B 63 9.80 -13.01 -4.37
C ILE B 63 11.16 -13.65 -4.09
N CYS B 64 11.69 -13.58 -2.86
CA CYS B 64 12.90 -14.33 -2.44
C CYS B 64 12.71 -15.81 -2.79
N PHE B 65 11.55 -16.36 -2.50
CA PHE B 65 11.24 -17.78 -2.81
C PHE B 65 11.42 -17.97 -4.32
N TRP B 66 10.69 -17.21 -5.14
CA TRP B 66 10.70 -17.36 -6.61
C TRP B 66 12.10 -17.14 -7.16
N LYS B 67 12.83 -16.13 -6.67
CA LYS B 67 14.19 -15.86 -7.18
C LYS B 67 15.11 -17.03 -6.83
N GLN B 68 15.03 -17.56 -5.62
CA GLN B 68 15.96 -18.60 -5.14
C GLN B 68 15.59 -19.94 -5.80
N LEU B 69 14.30 -20.20 -6.06
CA LEU B 69 13.89 -21.39 -6.84
C LEU B 69 14.47 -21.29 -8.26
N ARG B 70 14.46 -20.09 -8.87
CA ARG B 70 15.03 -19.89 -10.23
C ARG B 70 16.56 -20.06 -10.18
N ASP B 71 17.22 -19.38 -9.25
CA ASP B 71 18.69 -19.17 -9.30
C ASP B 71 19.46 -20.24 -8.55
N ASN B 72 18.88 -20.82 -7.49
CA ASN B 72 19.61 -21.73 -6.57
C ASN B 72 18.74 -22.92 -6.19
N PRO B 73 18.10 -23.61 -7.16
CA PRO B 73 17.08 -24.58 -6.79
C PRO B 73 17.68 -25.78 -6.04
N VAL B 74 18.86 -26.27 -6.45
CA VAL B 74 19.47 -27.48 -5.84
C VAL B 74 19.69 -27.19 -4.36
N GLN B 75 20.26 -26.05 -4.05
CA GLN B 75 20.54 -25.70 -2.64
C GLN B 75 19.22 -25.54 -1.89
N LEU B 76 18.25 -24.88 -2.51
CA LEU B 76 16.99 -24.55 -1.82
C LEU B 76 16.28 -25.86 -1.48
N ILE B 77 16.18 -26.76 -2.46
CA ILE B 77 15.42 -28.03 -2.31
C ILE B 77 16.14 -28.91 -1.29
N GLU B 78 17.47 -28.94 -1.29
CA GLU B 78 18.25 -29.73 -0.31
C GLU B 78 17.98 -29.23 1.12
N GLU B 79 17.99 -27.91 1.34
CA GLU B 79 17.81 -27.33 2.69
C GLU B 79 16.38 -27.55 3.18
N VAL B 80 15.39 -27.33 2.31
CA VAL B 80 13.96 -27.61 2.65
C VAL B 80 13.87 -29.10 3.06
N SER B 81 14.47 -30.00 2.28
CA SER B 81 14.43 -31.47 2.51
C SER B 81 15.06 -31.80 3.87
N LYS B 82 16.22 -31.19 4.18
CA LYS B 82 16.92 -31.42 5.46
C LYS B 82 16.02 -30.97 6.60
N ILE B 83 15.40 -29.79 6.48
CA ILE B 83 14.51 -29.28 7.55
C ILE B 83 13.33 -30.24 7.69
N LYS B 84 12.72 -30.70 6.60
CA LYS B 84 11.61 -31.66 6.70
C LYS B 84 12.06 -32.90 7.49
N GLU B 85 13.24 -33.44 7.17
CA GLU B 85 13.75 -34.70 7.77
C GLU B 85 14.03 -34.49 9.27
N ASN B 86 14.55 -33.34 9.65
CA ASN B 86 15.08 -33.10 11.02
C ASN B 86 13.98 -32.66 11.99
N TYR B 87 12.89 -32.03 11.53
CA TYR B 87 11.87 -31.42 12.44
C TYR B 87 10.61 -32.26 12.39
N LYS B 88 10.55 -33.26 13.25
CA LYS B 88 9.42 -34.22 13.31
C LYS B 88 8.25 -33.53 14.04
N ASP B 89 8.53 -32.52 14.86
CA ASP B 89 7.51 -31.77 15.63
C ASP B 89 7.22 -30.45 14.89
N GLY B 90 6.07 -30.35 14.25
CA GLY B 90 5.64 -29.19 13.44
C GLY B 90 5.65 -27.90 14.23
N ARG B 91 5.22 -27.92 15.48
CA ARG B 91 5.10 -26.69 16.31
C ARG B 91 6.50 -26.17 16.59
N LYS B 92 7.47 -27.05 16.83
CA LYS B 92 8.89 -26.67 17.08
C LYS B 92 9.50 -26.13 15.76
N LEU B 93 9.12 -26.70 14.62
CA LEU B 93 9.51 -26.19 13.28
C LEU B 93 9.01 -24.76 13.09
N TYR B 94 7.71 -24.54 13.36
CA TYR B 94 7.05 -23.22 13.29
C TYR B 94 7.81 -22.21 14.15
N GLU B 95 7.99 -22.54 15.43
CA GLU B 95 8.67 -21.67 16.41
C GLU B 95 10.08 -21.34 15.92
N PHE B 96 10.78 -22.34 15.35
CA PHE B 96 12.15 -22.16 14.81
C PHE B 96 12.08 -21.14 13.66
N LEU B 97 11.20 -21.34 12.69
CA LEU B 97 11.11 -20.49 11.47
C LEU B 97 10.66 -19.08 11.83
N THR B 98 9.66 -18.95 12.72
CA THR B 98 9.00 -17.66 13.07
C THR B 98 9.92 -16.90 14.01
N SER B 99 10.78 -17.58 14.76
CA SER B 99 11.67 -16.94 15.76
C SER B 99 12.79 -16.19 15.02
N GLN B 100 13.19 -16.69 13.85
CA GLN B 100 14.12 -15.98 12.92
C GLN B 100 13.30 -14.94 12.16
N ASN B 101 13.86 -13.74 12.04
CA ASN B 101 13.32 -12.66 11.16
C ASN B 101 14.48 -12.11 10.35
N GLY B 102 14.15 -11.51 9.21
CA GLY B 102 15.15 -11.03 8.25
C GLY B 102 15.92 -12.17 7.61
N GLY B 103 17.11 -11.87 7.13
CA GLY B 103 17.95 -12.84 6.42
C GLY B 103 18.14 -12.45 4.98
N GLY B 104 19.10 -13.13 4.36
CA GLY B 104 19.33 -13.07 2.93
C GLY B 104 18.18 -13.68 2.17
N GLU B 105 18.25 -13.63 0.85
CA GLU B 105 17.16 -14.14 -0.02
C GLU B 105 16.96 -15.62 0.27
N PHE B 106 18.08 -16.33 0.46
CA PHE B 106 18.07 -17.82 0.55
C PHE B 106 17.29 -18.22 1.81
N GLU B 107 17.63 -17.59 2.94
CA GLU B 107 16.97 -17.87 4.24
C GLU B 107 15.48 -17.55 4.14
N ARG B 108 15.15 -16.36 3.60
CA ARG B 108 13.75 -15.91 3.37
C ARG B 108 13.02 -16.94 2.47
N ALA B 109 13.67 -17.46 1.41
CA ALA B 109 13.05 -18.43 0.47
C ALA B 109 12.68 -19.72 1.20
N VAL B 110 13.61 -20.27 1.99
CA VAL B 110 13.41 -21.54 2.76
C VAL B 110 12.25 -21.33 3.74
N ARG B 111 12.30 -20.28 4.53
CA ARG B 111 11.27 -19.93 5.56
C ARG B 111 9.91 -19.70 4.88
N PHE B 112 9.86 -18.95 3.79
CA PHE B 112 8.61 -18.69 3.05
C PHE B 112 8.00 -20.01 2.58
N TYR B 113 8.80 -20.89 1.99
CA TYR B 113 8.28 -22.15 1.40
C TYR B 113 7.69 -23.02 2.51
N ILE B 114 8.42 -23.20 3.60
CA ILE B 114 7.99 -24.15 4.65
C ILE B 114 6.75 -23.54 5.36
N LEU B 115 6.77 -22.25 5.68
CA LEU B 115 5.60 -21.57 6.29
C LEU B 115 4.42 -21.71 5.35
N ASN B 116 4.65 -21.74 4.04
CA ASN B 116 3.56 -21.86 3.05
C ASN B 116 2.85 -23.19 3.28
N ARG B 117 3.61 -24.21 3.65
CA ARG B 117 3.12 -25.59 3.77
C ARG B 117 2.58 -25.86 5.19
N ILE B 118 3.00 -25.14 6.22
CA ILE B 118 2.69 -25.55 7.63
C ILE B 118 1.72 -24.56 8.31
N THR B 119 1.17 -23.62 7.56
CA THR B 119 0.36 -22.51 8.13
C THR B 119 -1.09 -22.72 7.68
N PHE B 120 -2.06 -22.02 8.28
CA PHE B 120 -3.50 -22.27 7.93
C PHE B 120 -3.76 -21.99 6.44
N SER B 121 -3.22 -20.95 5.80
CA SER B 121 -3.58 -20.69 4.38
C SER B 121 -2.39 -20.33 3.46
N GLY B 122 -1.14 -20.36 3.94
CA GLY B 122 0.05 -20.30 3.06
C GLY B 122 0.95 -19.10 3.30
N THR B 123 0.56 -18.21 4.21
CA THR B 123 1.38 -17.06 4.68
C THR B 123 1.35 -17.04 6.20
N VAL B 124 2.47 -16.63 6.80
CA VAL B 124 2.57 -16.31 8.26
C VAL B 124 1.50 -15.26 8.60
N ASP B 125 1.27 -14.29 7.71
CA ASP B 125 0.35 -13.14 7.87
C ASP B 125 -1.12 -13.57 7.88
N SER B 126 -1.53 -14.59 7.12
CA SER B 126 -2.95 -14.92 6.85
C SER B 126 -3.42 -16.14 7.67
N GLY B 127 -2.81 -16.38 8.84
CA GLY B 127 -3.20 -17.46 9.77
C GLY B 127 -1.98 -18.29 10.16
N GLY B 128 -1.87 -18.66 11.45
CA GLY B 128 -0.62 -19.18 12.06
C GLY B 128 -0.40 -20.67 11.84
N TYR B 129 0.26 -21.33 12.80
CA TYR B 129 0.67 -22.75 12.70
C TYR B 129 -0.57 -23.64 12.66
N SER B 130 -0.61 -24.55 11.68
CA SER B 130 -1.66 -25.56 11.50
C SER B 130 -1.05 -26.97 11.50
N GLN B 131 -1.31 -27.76 12.55
CA GLN B 131 -0.93 -29.18 12.63
C GLN B 131 -1.40 -29.91 11.38
N GLN B 132 -2.62 -29.64 10.94
CA GLN B 132 -3.20 -30.41 9.82
C GLN B 132 -2.42 -30.08 8.54
N SER B 133 -2.05 -28.81 8.31
CA SER B 133 -1.23 -28.41 7.14
C SER B 133 0.14 -29.13 7.21
N PHE B 134 0.75 -29.13 8.39
CA PHE B 134 2.06 -29.78 8.65
C PHE B 134 1.98 -31.24 8.23
N GLU B 135 0.88 -31.94 8.54
CA GLU B 135 0.73 -33.39 8.28
C GLU B 135 0.33 -33.63 6.82
N ASN B 136 -0.44 -32.75 6.20
CA ASN B 136 -1.04 -33.05 4.87
C ASN B 136 -0.43 -32.23 3.74
N ARG B 137 0.23 -31.10 4.03
CA ARG B 137 0.61 -30.18 2.94
C ARG B 137 2.14 -30.10 2.85
N PHE B 138 2.86 -30.35 3.94
CA PHE B 138 4.33 -30.33 3.98
C PHE B 138 4.83 -31.74 3.64
N THR B 139 4.65 -32.12 2.38
CA THR B 139 4.84 -33.51 1.91
C THR B 139 6.07 -33.58 1.01
N TRP B 140 6.66 -34.76 0.91
CA TRP B 140 7.76 -35.07 -0.04
C TRP B 140 7.27 -34.80 -1.46
N SER B 141 6.03 -35.15 -1.76
CA SER B 141 5.53 -35.03 -3.16
C SER B 141 5.40 -33.54 -3.53
N ALA B 142 5.02 -32.64 -2.63
CA ALA B 142 5.02 -31.15 -2.84
C ALA B 142 6.47 -30.67 -3.01
N ILE B 143 7.42 -31.14 -2.20
CA ILE B 143 8.87 -30.78 -2.34
C ILE B 143 9.36 -31.24 -3.71
N ASN B 144 8.95 -32.43 -4.16
CA ASN B 144 9.32 -32.98 -5.49
C ASN B 144 8.91 -32.00 -6.61
N LYS B 145 7.81 -31.28 -6.43
CA LYS B 145 7.29 -30.35 -7.47
C LYS B 145 8.25 -29.17 -7.64
N LEU B 146 9.07 -28.83 -6.62
CA LEU B 146 10.00 -27.67 -6.71
C LEU B 146 11.01 -27.89 -7.83
N LYS B 147 11.46 -29.13 -8.03
CA LYS B 147 12.47 -29.51 -9.05
C LYS B 147 11.94 -29.09 -10.43
N GLN B 148 10.75 -29.55 -10.77
CA GLN B 148 10.16 -29.24 -12.10
C GLN B 148 9.85 -27.75 -12.17
N ALA B 149 9.29 -27.16 -11.09
CA ALA B 149 9.00 -25.71 -11.00
C ALA B 149 10.25 -24.91 -11.37
N ALA B 150 11.41 -25.25 -10.81
CA ALA B 150 12.69 -24.52 -11.04
C ALA B 150 13.03 -24.53 -12.53
N GLU B 151 12.74 -25.64 -13.20
CA GLU B 151 13.05 -25.80 -14.65
C GLU B 151 12.15 -24.90 -15.49
N ILE B 152 10.86 -24.90 -15.19
CA ILE B 152 9.81 -24.08 -15.86
C ILE B 152 10.15 -22.58 -15.75
N ILE B 153 10.66 -22.13 -14.60
CA ILE B 153 10.78 -20.66 -14.30
C ILE B 153 12.17 -20.14 -14.64
N LYS B 154 13.05 -20.96 -15.19
CA LYS B 154 14.48 -20.61 -15.37
C LYS B 154 14.64 -19.24 -16.07
N ASP B 155 13.82 -18.92 -17.07
CA ASP B 155 13.99 -17.67 -17.86
C ASP B 155 12.97 -16.61 -17.43
N PHE B 156 12.28 -16.79 -16.31
CA PHE B 156 11.31 -15.78 -15.82
C PHE B 156 12.12 -14.56 -15.42
N GLU B 157 11.62 -13.37 -15.71
CA GLU B 157 12.09 -12.13 -15.07
C GLU B 157 11.26 -11.96 -13.80
N ILE B 158 11.87 -11.66 -12.69
CA ILE B 158 11.24 -11.70 -11.36
C ILE B 158 11.62 -10.39 -10.65
N SER B 159 10.64 -9.65 -10.15
CA SER B 159 10.89 -8.40 -9.40
C SER B 159 10.00 -8.37 -8.15
N HIS B 160 10.43 -7.61 -7.15
N HIS B 160 10.45 -7.62 -7.15
CA HIS B 160 9.59 -7.23 -5.98
CA HIS B 160 9.67 -7.21 -5.94
C HIS B 160 9.25 -5.75 -6.08
C HIS B 160 9.25 -5.74 -6.11
N GLY B 161 8.02 -5.41 -5.72
CA GLY B 161 7.57 -4.02 -5.56
C GLY B 161 6.15 -3.87 -6.03
N ASP B 162 5.73 -2.61 -6.18
CA ASP B 162 4.35 -2.25 -6.55
C ASP B 162 4.06 -2.71 -7.99
N TYR B 163 2.82 -3.08 -8.26
CA TYR B 163 2.34 -3.60 -9.57
C TYR B 163 2.48 -2.51 -10.66
N GLU B 164 2.43 -1.23 -10.29
CA GLU B 164 2.19 -0.15 -11.30
C GLU B 164 3.30 -0.20 -12.37
N LYS B 165 4.52 -0.46 -11.95
CA LYS B 165 5.71 -0.41 -12.85
C LYS B 165 5.49 -1.30 -14.08
N LEU B 166 5.05 -2.55 -13.86
N LEU B 166 5.04 -2.55 -13.86
CA LEU B 166 4.86 -3.59 -14.91
CA LEU B 166 4.88 -3.58 -14.92
C LEU B 166 3.63 -3.25 -15.77
C LEU B 166 3.62 -3.28 -15.75
N LEU B 167 2.68 -2.50 -15.22
CA LEU B 167 1.49 -2.00 -15.95
C LEU B 167 1.93 -1.07 -17.07
N PHE B 168 2.92 -0.20 -16.80
CA PHE B 168 3.23 0.93 -17.71
C PHE B 168 4.56 0.73 -18.45
N GLU B 169 5.32 -0.30 -18.12
CA GLU B 169 6.57 -0.58 -18.85
C GLU B 169 6.25 -0.75 -20.33
N PRO B 170 6.89 0.03 -21.21
CA PRO B 170 6.69 -0.14 -22.65
C PRO B 170 6.92 -1.59 -23.08
N GLY B 171 6.24 -2.03 -24.15
CA GLY B 171 6.68 -3.21 -24.92
C GLY B 171 5.74 -3.50 -26.08
N ASN B 172 5.89 -4.67 -26.69
CA ASN B 172 5.05 -5.09 -27.83
C ASN B 172 4.36 -6.41 -27.52
N GLU B 173 3.10 -6.52 -27.92
CA GLU B 173 2.27 -7.74 -27.87
C GLU B 173 2.23 -8.21 -26.42
N VAL B 174 2.05 -7.27 -25.49
CA VAL B 174 2.12 -7.55 -24.03
C VAL B 174 0.71 -7.91 -23.54
N PHE B 175 0.62 -8.98 -22.74
CA PHE B 175 -0.63 -9.38 -22.06
C PHE B 175 -0.31 -9.41 -20.56
N ILE B 176 -1.17 -8.79 -19.77
CA ILE B 176 -0.98 -8.61 -18.32
C ILE B 176 -2.16 -9.26 -17.61
N PHE B 177 -1.85 -10.24 -16.77
CA PHE B 177 -2.87 -10.94 -15.95
C PHE B 177 -2.77 -10.43 -14.51
N LEU B 178 -3.90 -9.95 -13.98
CA LEU B 178 -3.97 -9.27 -12.66
C LEU B 178 -5.00 -9.97 -11.77
N ASP B 179 -4.56 -10.36 -10.59
CA ASP B 179 -5.46 -11.00 -9.59
C ASP B 179 -5.26 -10.24 -8.28
N PRO B 180 -5.93 -9.09 -8.07
CA PRO B 180 -5.67 -8.26 -6.91
C PRO B 180 -6.14 -8.89 -5.60
N PRO B 181 -5.64 -8.41 -4.45
CA PRO B 181 -6.19 -8.80 -3.15
C PRO B 181 -7.72 -8.63 -3.17
N TYR B 182 -8.46 -9.57 -2.58
CA TYR B 182 -9.95 -9.60 -2.47
C TYR B 182 -10.50 -8.18 -2.26
N TYR B 183 -11.56 -7.78 -2.99
CA TYR B 183 -12.25 -6.50 -2.72
C TYR B 183 -13.11 -6.67 -1.45
N SER B 184 -12.93 -5.84 -0.42
CA SER B 184 -13.78 -5.85 0.80
C SER B 184 -14.96 -4.86 0.63
N LEU B 190 -13.48 -1.78 10.89
CA LEU B 190 -14.40 -1.71 12.06
C LEU B 190 -14.00 -2.76 13.11
N TYR B 191 -13.65 -3.96 12.71
CA TYR B 191 -13.15 -5.01 13.62
C TYR B 191 -11.80 -5.53 13.08
N SER B 200 -3.31 -2.41 3.38
CA SER B 200 -4.36 -3.05 2.53
C SER B 200 -4.45 -2.35 1.16
N PHE B 201 -5.17 -2.98 0.22
CA PHE B 201 -5.05 -2.68 -1.22
C PHE B 201 -5.99 -1.53 -1.61
N ASP B 202 -5.48 -0.59 -2.39
CA ASP B 202 -6.23 0.59 -2.85
C ASP B 202 -6.85 0.26 -4.20
N HIS B 203 -8.08 -0.26 -4.21
CA HIS B 203 -8.78 -0.68 -5.45
C HIS B 203 -9.06 0.52 -6.36
N GLU B 204 -9.21 1.74 -5.83
CA GLU B 204 -9.53 2.94 -6.66
C GLU B 204 -8.26 3.31 -7.42
N ARG B 205 -7.11 3.29 -6.76
CA ARG B 205 -5.81 3.56 -7.41
C ARG B 205 -5.59 2.50 -8.50
N PHE B 206 -5.88 1.24 -8.19
CA PHE B 206 -5.72 0.11 -9.15
C PHE B 206 -6.58 0.40 -10.39
N ALA B 207 -7.89 0.62 -10.23
CA ALA B 207 -8.84 0.87 -11.33
C ALA B 207 -8.38 2.07 -12.18
N PHE B 208 -7.96 3.17 -11.54
CA PHE B 208 -7.42 4.39 -12.22
C PHE B 208 -6.24 4.02 -13.12
N ASN B 209 -5.30 3.24 -12.61
CA ASN B 209 -4.08 2.82 -13.35
C ASN B 209 -4.43 1.85 -14.49
N ILE B 210 -5.30 0.90 -14.24
CA ILE B 210 -5.73 -0.07 -15.29
C ILE B 210 -6.34 0.66 -16.48
N LYS B 211 -7.17 1.66 -16.21
CA LYS B 211 -7.85 2.50 -17.22
C LYS B 211 -6.80 3.09 -18.17
N LYS B 212 -5.61 3.42 -17.69
CA LYS B 212 -4.57 4.01 -18.57
C LYS B 212 -3.48 2.98 -18.86
N CYS B 213 -3.74 1.67 -18.72
CA CYS B 213 -2.71 0.64 -18.97
C CYS B 213 -2.68 0.39 -20.46
N PRO B 214 -1.58 0.68 -21.17
CA PRO B 214 -1.58 0.70 -22.63
C PRO B 214 -1.06 -0.64 -23.17
N HIS B 215 -1.62 -1.75 -22.66
CA HIS B 215 -1.39 -3.13 -23.13
C HIS B 215 -2.72 -3.90 -23.01
N LEU B 216 -2.77 -5.16 -23.41
CA LEU B 216 -3.95 -6.04 -23.18
C LEU B 216 -3.89 -6.56 -21.74
N TRP B 217 -5.02 -6.55 -21.05
CA TRP B 217 -5.08 -7.03 -19.65
C TRP B 217 -6.40 -7.75 -19.34
N MET B 218 -6.31 -8.63 -18.34
CA MET B 218 -7.42 -9.39 -17.73
C MET B 218 -7.26 -9.23 -16.21
N ILE B 219 -8.33 -8.84 -15.52
CA ILE B 219 -8.40 -8.86 -14.03
C ILE B 219 -9.40 -9.93 -13.59
N THR B 220 -9.08 -10.68 -12.54
CA THR B 220 -10.04 -11.59 -11.85
C THR B 220 -10.49 -10.93 -10.55
N TYR B 221 -11.81 -10.83 -10.38
CA TYR B 221 -12.46 -10.26 -9.17
C TYR B 221 -13.64 -11.16 -8.77
N ASP B 222 -13.91 -11.22 -7.47
CA ASP B 222 -15.23 -11.65 -6.90
C ASP B 222 -16.26 -10.65 -7.41
N ASP B 223 -17.43 -11.11 -7.87
CA ASP B 223 -18.52 -10.23 -8.35
C ASP B 223 -19.00 -9.35 -7.18
N SER B 224 -19.09 -8.06 -7.41
CA SER B 224 -19.62 -7.08 -6.45
C SER B 224 -20.06 -5.86 -7.24
N PRO B 225 -21.13 -5.18 -6.83
CA PRO B 225 -21.58 -3.99 -7.54
C PRO B 225 -20.51 -2.90 -7.43
N GLU B 226 -19.76 -2.85 -6.31
CA GLU B 226 -18.69 -1.85 -6.08
C GLU B 226 -17.60 -1.99 -7.17
N VAL B 227 -17.29 -3.23 -7.54
CA VAL B 227 -16.23 -3.55 -8.55
C VAL B 227 -16.78 -3.25 -9.95
N ARG B 228 -18.03 -3.66 -10.22
CA ARG B 228 -18.72 -3.36 -11.50
C ARG B 228 -18.74 -1.85 -11.75
N LYS B 229 -18.97 -1.07 -10.70
CA LYS B 229 -19.03 0.41 -10.75
C LYS B 229 -17.62 0.95 -11.03
N LEU B 230 -16.63 0.52 -10.23
CA LEU B 230 -15.21 0.91 -10.39
C LEU B 230 -14.72 0.60 -11.81
N PHE B 231 -15.15 -0.49 -12.43
CA PHE B 231 -14.62 -0.93 -13.76
C PHE B 231 -15.70 -0.81 -14.86
N LYS B 232 -16.67 0.09 -14.71
CA LYS B 232 -17.78 0.24 -15.70
C LYS B 232 -17.19 0.48 -17.10
N PHE B 233 -16.08 1.20 -17.20
CA PHE B 233 -15.35 1.54 -18.45
C PHE B 233 -14.84 0.30 -19.21
N ALA B 234 -14.84 -0.89 -18.62
CA ALA B 234 -14.12 -2.06 -19.19
C ALA B 234 -15.13 -3.11 -19.65
N ASN B 235 -14.66 -4.20 -20.26
CA ASN B 235 -15.50 -5.38 -20.57
C ASN B 235 -15.57 -6.26 -19.31
N ILE B 236 -16.79 -6.48 -18.79
CA ILE B 236 -17.04 -7.30 -17.58
C ILE B 236 -17.73 -8.59 -18.02
N TYR B 237 -17.16 -9.73 -17.66
CA TYR B 237 -17.72 -11.07 -17.97
C TYR B 237 -17.94 -11.84 -16.67
N GLU B 238 -19.14 -12.39 -16.46
CA GLU B 238 -19.49 -13.22 -15.28
C GLU B 238 -19.06 -14.66 -15.52
N TRP B 239 -18.42 -15.28 -14.52
CA TRP B 239 -18.15 -16.73 -14.49
C TRP B 239 -18.27 -17.22 -13.04
N GLU B 240 -18.40 -18.53 -12.88
CA GLU B 240 -18.70 -19.17 -11.57
C GLU B 240 -17.63 -20.22 -11.29
N LEU B 241 -17.03 -20.13 -10.11
CA LEU B 241 -16.00 -21.08 -9.59
C LEU B 241 -16.77 -22.11 -8.75
N GLN B 242 -16.68 -23.40 -9.08
CA GLN B 242 -17.25 -24.49 -8.24
C GLN B 242 -16.21 -24.84 -7.16
N TYR B 243 -16.51 -24.57 -5.88
CA TYR B 243 -15.56 -24.80 -4.74
C TYR B 243 -15.54 -26.29 -4.35
N ALA B 253 -23.86 -26.60 -3.92
CA ALA B 253 -24.25 -25.20 -4.22
C ALA B 253 -23.17 -24.20 -3.79
N GLU B 254 -21.96 -24.67 -3.46
CA GLU B 254 -20.81 -23.86 -2.97
C GLU B 254 -20.11 -23.28 -4.21
N LYS B 255 -20.64 -22.19 -4.77
CA LYS B 255 -20.24 -21.57 -6.06
C LYS B 255 -19.81 -20.12 -5.81
N GLY B 256 -18.67 -19.68 -6.34
CA GLY B 256 -18.22 -18.28 -6.26
C GLY B 256 -18.70 -17.51 -7.48
N LYS B 257 -19.22 -16.31 -7.30
CA LYS B 257 -19.57 -15.41 -8.43
C LYS B 257 -18.33 -14.56 -8.75
N GLU B 258 -17.74 -14.77 -9.91
CA GLU B 258 -16.47 -14.12 -10.33
C GLU B 258 -16.72 -13.19 -11.52
N LEU B 259 -15.83 -12.22 -11.70
CA LEU B 259 -15.72 -11.41 -12.94
C LEU B 259 -14.37 -11.66 -13.61
N PHE B 260 -14.38 -11.69 -14.95
CA PHE B 260 -13.25 -11.28 -15.82
C PHE B 260 -13.48 -9.82 -16.22
N ILE B 261 -12.48 -8.99 -15.99
CA ILE B 261 -12.47 -7.57 -16.46
C ILE B 261 -11.34 -7.47 -17.47
N THR B 262 -11.66 -7.06 -18.70
CA THR B 262 -10.66 -7.04 -19.82
C THR B 262 -10.83 -5.77 -20.65
N ASN B 263 -9.83 -5.49 -21.46
CA ASN B 263 -9.91 -4.42 -22.48
C ASN B 263 -9.84 -5.06 -23.86
N TYR B 264 -10.18 -6.36 -23.95
CA TYR B 264 -10.31 -7.07 -25.25
C TYR B 264 -11.55 -7.98 -25.15
N LYS B 265 -12.21 -8.21 -26.28
CA LYS B 265 -13.53 -8.91 -26.30
C LYS B 265 -13.26 -10.42 -26.21
N LEU B 266 -13.94 -11.11 -25.27
CA LEU B 266 -13.93 -12.59 -25.14
C LEU B 266 -15.02 -13.14 -26.08
N SAM C . 3.49 18.11 5.69
CA SAM C . 2.54 17.35 6.58
C SAM C . 2.42 18.10 7.94
O SAM C . 2.52 19.35 8.09
OXT SAM C . 2.24 17.44 9.00
CB SAM C . 3.02 15.90 6.83
CG SAM C . 3.61 15.06 5.64
SD SAM C . 4.52 13.59 6.30
CE SAM C . 6.22 14.04 6.01
C5' SAM C . 4.25 12.35 5.01
C4' SAM C . 2.84 11.80 4.99
O4' SAM C . 2.71 10.96 3.84
C3' SAM C . 2.39 10.91 6.17
O3' SAM C . 1.26 11.45 6.84
C2' SAM C . 1.98 9.58 5.51
O2' SAM C . 0.83 9.03 6.09
C1' SAM C . 1.67 10.06 4.09
N9 SAM C . 1.67 9.06 3.05
C8 SAM C . 2.59 8.05 2.87
N7 SAM C . 2.36 7.34 1.79
C5 SAM C . 1.25 7.93 1.21
C6 SAM C . 0.52 7.62 0.05
N6 SAM C . 0.85 6.66 -0.80
N1 SAM C . -0.55 8.41 -0.25
C2 SAM C . -0.87 9.40 0.60
N3 SAM C . -0.26 9.77 1.72
C4 SAM C . 0.80 8.98 1.98
N SAH D . 3.03 16.66 8.33
CA SAH D . 3.85 17.16 7.19
CB SAH D . 3.88 16.15 6.03
CG SAH D . 3.13 14.83 6.27
SD SAH D . 4.19 13.37 6.47
C SAH D . 3.31 18.53 6.70
O SAH D . 3.04 19.47 7.46
OXT SAH D . 3.14 18.76 5.49
C5' SAH D . 3.80 12.37 5.01
C4' SAH D . 2.39 11.85 5.05
O4' SAH D . 2.18 11.05 3.87
C3' SAH D . 2.04 10.94 6.24
O3' SAH D . 0.85 11.35 6.89
C2' SAH D . 1.85 9.56 5.60
O2' SAH D . 0.85 8.80 6.23
C1' SAH D . 1.38 9.95 4.20
N9 SAH D . 1.58 8.96 3.16
C8 SAH D . 2.58 8.01 3.11
N7 SAH D . 2.55 7.29 2.02
C5 SAH D . 1.47 7.79 1.30
C6 SAH D . 0.91 7.45 0.05
N6 SAH D . 1.42 6.50 -0.73
N1 SAH D . -0.16 8.16 -0.38
C2 SAH D . -0.64 9.14 0.42
N3 SAH D . -0.20 9.54 1.62
C4 SAH D . 0.86 8.82 2.01
N SAM E . -3.32 -15.18 -8.94
CA SAM E . -2.39 -15.39 -7.79
C SAM E . -2.21 -16.91 -7.63
O SAM E . -1.70 -17.41 -6.60
OXT SAM E . -2.57 -17.64 -8.59
CB SAM E . -2.93 -14.77 -6.49
CG SAM E . -2.53 -13.31 -6.30
SD SAM E . -3.03 -12.70 -4.67
CE SAM E . -4.82 -12.68 -4.82
C5' SAM E . -2.69 -10.94 -4.82
C4' SAM E . -1.23 -10.61 -4.60
O4' SAM E . -1.08 -9.18 -4.63
C3' SAM E . -0.58 -11.06 -3.29
O3' SAM E . 0.52 -11.92 -3.59
C2' SAM E . -0.02 -9.78 -2.66
O2' SAM E . 1.26 -9.97 -2.10
C1' SAM E . 0.08 -8.89 -3.90
N9 SAM E . 0.07 -7.46 -3.68
C8 SAM E . -0.67 -6.72 -2.79
N7 SAM E . -0.51 -5.43 -2.92
C5 SAM E . 0.31 -5.29 -4.04
C6 SAM E . 0.85 -4.18 -4.72
N6 SAM E . 0.58 -2.91 -4.42
N1 SAM E . 1.65 -4.42 -5.79
C2 SAM E . 1.92 -5.68 -6.12
N3 SAM E . 1.48 -6.80 -5.56
C4 SAM E . 0.68 -6.54 -4.51
C1 EDO F . 4.43 1.33 -3.14
O1 EDO F . 4.48 2.01 -4.37
C2 EDO F . 3.09 0.76 -2.95
O2 EDO F . 3.00 -0.60 -3.18
C1 EDO G . -2.39 -21.36 -6.13
C1 EDO G . -2.58 -21.92 -5.49
O1 EDO G . -3.60 -21.47 -6.85
O1 EDO G . -3.99 -21.92 -5.60
C2 EDO G . -1.25 -20.96 -6.97
C2 EDO G . -1.87 -21.56 -6.75
O2 EDO G . -1.46 -19.70 -7.56
O2 EDO G . -1.02 -22.58 -7.27
#